data_3QXX
#
_entry.id   3QXX
#
_cell.length_a   81.883
_cell.length_b   37.845
_cell.length_c   68.839
_cell.angle_alpha   90.00
_cell.angle_beta   101.30
_cell.angle_gamma   90.00
#
_symmetry.space_group_name_H-M   'C 1 2 1'
#
loop_
_entity.id
_entity.type
_entity.pdbx_description
1 polymer 'Dethiobiotin synthetase'
2 non-polymer '8-aminooctanoic acid'
3 non-polymer "GUANOSINE-5'-DIPHOSPHATE"
4 non-polymer 'MAGNESIUM ION'
5 non-polymer 'PHOSPHATE ION'
6 non-polymer 1,2-ETHANEDIOL
7 non-polymer GLYCEROL
8 water water
#
_entity_poly.entity_id   1
_entity_poly.type   'polypeptide(L)'
_entity_poly.pdbx_seq_one_letter_code
;MGSSHHHHHHSSGRENLYFQGHMLFISATNTNAGKTTCARLLAQYCNACGVKTILLKPIETGVNDAINHSSDAHLFLQDN
RLLDRSLTLKDISFYRYHKVSAPLIAQQEEDPNAPIDTDNLTQRLHNFTKTYDLVIVEGAGGLCVPITLEENMLDFALKL
KAKMLLISHDNLGLINDCLLNDFLLKSHQLDYKIAINLKGNNTAFHSISLPYIELFNTRSNNPIVIFQQSLKVLMSFALK
GS
;
_entity_poly.pdbx_strand_id   A
#
loop_
_chem_comp.id
_chem_comp.type
_chem_comp.name
_chem_comp.formula
8AC non-polymer '8-aminooctanoic acid' 'C8 H17 N O2'
EDO non-polymer 1,2-ETHANEDIOL 'C2 H6 O2'
GDP RNA linking GUANOSINE-5'-DIPHOSPHATE 'C10 H15 N5 O11 P2'
GOL non-polymer GLYCEROL 'C3 H8 O3'
MG non-polymer 'MAGNESIUM ION' 'Mg 2'
PO4 non-polymer 'PHOSPHATE ION' 'O4 P -3'
#
# COMPACT_ATOMS: atom_id res chain seq x y z
N PHE A 19 -22.66 -2.26 1.26
CA PHE A 19 -21.56 -2.60 2.22
C PHE A 19 -21.05 -1.33 2.87
N GLN A 20 -20.28 -1.47 3.94
CA GLN A 20 -19.48 -0.34 4.39
C GLN A 20 -18.38 -0.13 3.37
N GLY A 21 -17.59 0.92 3.54
CA GLY A 21 -16.55 1.27 2.57
C GLY A 21 -15.60 0.07 2.32
N HIS A 22 -15.09 0.03 1.12
CA HIS A 22 -14.06 -0.91 0.72
C HIS A 22 -12.72 -0.53 1.33
N MET A 23 -11.84 -1.50 1.42
CA MET A 23 -10.50 -1.29 1.99
C MET A 23 -9.47 -1.89 1.03
N LEU A 24 -8.48 -1.07 0.71
CA LEU A 24 -7.34 -1.43 -0.17
C LEU A 24 -6.03 -1.26 0.54
N PHE A 25 -5.32 -2.37 0.75
CA PHE A 25 -3.98 -2.33 1.33
C PHE A 25 -2.99 -2.04 0.17
N ILE A 26 -1.99 -1.18 0.45
CA ILE A 26 -0.93 -0.90 -0.50
C ILE A 26 0.38 -1.35 0.08
N SER A 27 0.96 -2.36 -0.59
CA SER A 27 2.28 -2.90 -0.30
C SER A 27 3.16 -2.66 -1.52
N ALA A 28 4.36 -3.25 -1.52
CA ALA A 28 5.32 -2.99 -2.55
C ALA A 28 6.35 -4.10 -2.65
N THR A 29 7.11 -4.06 -3.73
CA THR A 29 8.26 -4.91 -3.86
C THR A 29 9.25 -4.68 -2.71
N ASN A 30 9.38 -3.42 -2.30
CA ASN A 30 10.19 -3.07 -1.16
C ASN A 30 9.94 -1.60 -0.83
N THR A 31 10.64 -1.13 0.18
CA THR A 31 10.59 0.29 0.50
C THR A 31 11.11 1.12 -0.68
N ASN A 32 10.62 2.34 -0.80
CA ASN A 32 11.01 3.28 -1.84
CA ASN A 32 10.99 3.29 -1.86
C ASN A 32 10.50 2.95 -3.23
N ALA A 33 9.60 1.98 -3.37
CA ALA A 33 9.11 1.58 -4.69
C ALA A 33 8.09 2.60 -5.20
N GLY A 34 7.33 3.23 -4.29
CA GLY A 34 6.30 4.18 -4.67
C GLY A 34 4.92 4.02 -4.01
N LYS A 35 4.87 3.32 -2.86
CA LYS A 35 3.58 3.16 -2.21
C LYS A 35 2.88 4.51 -1.94
N THR A 36 3.60 5.40 -1.27
CA THR A 36 3.01 6.67 -0.85
C THR A 36 2.62 7.51 -2.07
N THR A 37 3.53 7.59 -3.01
CA THR A 37 3.28 8.36 -4.23
C THR A 37 2.00 7.84 -4.96
N CYS A 38 1.93 6.53 -5.15
CA CYS A 38 0.83 5.94 -5.87
C CYS A 38 -0.46 5.99 -5.06
N ALA A 39 -0.35 5.76 -3.75
CA ALA A 39 -1.55 5.87 -2.88
C ALA A 39 -2.18 7.25 -3.03
N ARG A 40 -1.33 8.29 -2.97
CA ARG A 40 -1.85 9.65 -3.06
C ARG A 40 -2.48 9.93 -4.40
N LEU A 41 -1.87 9.44 -5.48
CA LEU A 41 -2.43 9.62 -6.81
C LEU A 41 -3.76 8.91 -6.95
N LEU A 42 -3.84 7.68 -6.40
CA LEU A 42 -5.08 6.95 -6.50
C LEU A 42 -6.21 7.60 -5.69
N ALA A 43 -5.87 8.03 -4.45
CA ALA A 43 -6.90 8.66 -3.64
C ALA A 43 -7.39 9.96 -4.28
N GLN A 44 -6.45 10.70 -4.89
CA GLN A 44 -6.83 11.96 -5.54
C GLN A 44 -7.79 11.68 -6.69
N TYR A 45 -7.49 10.65 -7.49
CA TYR A 45 -8.34 10.29 -8.62
C TYR A 45 -9.71 9.85 -8.13
N CYS A 46 -9.71 8.96 -7.10
CA CYS A 46 -10.98 8.47 -6.58
C CYS A 46 -11.83 9.64 -6.08
N ASN A 47 -11.23 10.51 -5.26
CA ASN A 47 -11.98 11.67 -4.73
C ASN A 47 -12.55 12.53 -5.85
N ALA A 48 -11.76 12.72 -6.90
CA ALA A 48 -12.22 13.51 -8.06
C ALA A 48 -13.38 12.87 -8.78
N CYS A 49 -13.47 11.56 -8.68
CA CYS A 49 -14.56 10.76 -9.24
C CYS A 49 -15.76 10.60 -8.31
N GLY A 50 -15.71 11.26 -7.17
CA GLY A 50 -16.83 11.15 -6.21
C GLY A 50 -16.78 9.97 -5.26
N VAL A 51 -15.65 9.26 -5.26
CA VAL A 51 -15.43 8.10 -4.38
C VAL A 51 -14.63 8.64 -3.21
N LYS A 52 -15.30 8.85 -2.11
CA LYS A 52 -14.73 9.52 -0.96
C LYS A 52 -13.70 8.58 -0.30
N THR A 53 -12.44 8.99 -0.28
CA THR A 53 -11.32 8.08 -0.01
C THR A 53 -10.36 8.71 1.02
N ILE A 54 -10.05 7.93 2.04
CA ILE A 54 -9.09 8.32 3.07
C ILE A 54 -7.79 7.52 2.91
N LEU A 55 -6.66 8.15 3.28
CA LEU A 55 -5.36 7.52 3.27
C LEU A 55 -4.86 7.32 4.71
N LEU A 56 -4.49 6.08 5.02
CA LEU A 56 -4.03 5.71 6.36
C LEU A 56 -2.64 5.07 6.27
N LYS A 57 -1.81 5.37 7.27
CA LYS A 57 -0.47 4.79 7.40
C LYS A 57 -0.34 4.28 8.81
N PRO A 58 -0.88 3.09 9.10
CA PRO A 58 -1.07 2.71 10.51
C PRO A 58 0.24 2.55 11.25
N ILE A 59 1.28 2.07 10.55
CA ILE A 59 2.59 1.83 11.11
C ILE A 59 3.62 2.55 10.28
N GLU A 60 4.49 3.34 10.90
CA GLU A 60 5.55 4.03 10.16
C GLU A 60 6.83 4.05 10.98
N THR A 61 7.92 3.66 10.35
CA THR A 61 9.25 3.71 10.95
C THR A 61 10.09 4.80 10.33
N GLY A 62 11.23 5.08 10.94
CA GLY A 62 12.16 6.07 10.44
C GLY A 62 11.71 7.52 10.53
N VAL A 63 10.86 7.82 11.51
CA VAL A 63 10.28 9.14 11.62
C VAL A 63 10.67 9.87 12.90
N ASN A 64 10.76 11.20 12.77
CA ASN A 64 10.91 12.06 13.92
C ASN A 64 9.95 13.23 13.78
N ASP A 65 8.75 13.08 14.37
CA ASP A 65 7.66 14.02 14.22
C ASP A 65 7.84 15.33 14.93
N ALA A 66 8.82 15.39 15.83
CA ALA A 66 9.14 16.67 16.51
C ALA A 66 9.80 17.62 15.51
N ILE A 67 10.51 17.07 14.54
CA ILE A 67 11.38 17.81 13.65
C ILE A 67 11.04 17.75 12.20
N ASN A 68 10.17 16.82 11.81
CA ASN A 68 9.96 16.59 10.40
C ASN A 68 8.47 16.34 10.16
N HIS A 69 7.91 17.07 9.17
CA HIS A 69 6.48 16.99 8.86
C HIS A 69 6.26 16.53 7.43
N SER A 70 7.11 15.64 6.95
CA SER A 70 7.03 15.13 5.58
C SER A 70 7.01 13.59 5.50
N SER A 71 6.69 12.96 6.61
CA SER A 71 6.49 11.51 6.65
C SER A 71 5.29 11.11 5.80
N ASP A 72 5.17 9.82 5.52
CA ASP A 72 4.05 9.38 4.74
C ASP A 72 2.74 9.82 5.41
N ALA A 73 2.65 9.62 6.74
CA ALA A 73 1.43 10.01 7.43
C ALA A 73 1.18 11.51 7.29
N HIS A 74 2.22 12.35 7.34
CA HIS A 74 2.00 13.78 7.19
C HIS A 74 1.45 14.13 5.79
N LEU A 75 1.95 13.47 4.74
CA LEU A 75 1.50 13.73 3.40
C LEU A 75 0.05 13.27 3.27
N PHE A 76 -0.27 12.10 3.83
CA PHE A 76 -1.60 11.61 3.84
C PHE A 76 -2.53 12.60 4.56
N LEU A 77 -2.06 13.10 5.71
CA LEU A 77 -2.88 14.00 6.52
C LEU A 77 -3.25 15.26 5.70
N GLN A 78 -2.27 15.81 4.99
N GLN A 78 -2.26 15.79 4.99
CA GLN A 78 -2.51 17.00 4.16
CA GLN A 78 -2.48 16.99 4.14
C GLN A 78 -3.65 16.72 3.16
C GLN A 78 -3.62 16.73 3.13
N ASP A 79 -3.58 15.60 2.48
CA ASP A 79 -4.60 15.24 1.53
C ASP A 79 -5.95 14.98 2.22
N ASN A 80 -5.90 14.30 3.35
CA ASN A 80 -7.13 13.92 4.03
C ASN A 80 -7.89 15.11 4.58
N ARG A 81 -7.14 16.15 4.98
CA ARG A 81 -7.81 17.29 5.57
C ARG A 81 -8.66 18.09 4.57
N LEU A 82 -8.53 17.78 3.27
CA LEU A 82 -9.42 18.27 2.25
C LEU A 82 -10.82 17.72 2.35
N LEU A 83 -11.00 16.68 3.17
CA LEU A 83 -12.28 16.08 3.40
C LEU A 83 -12.71 16.20 4.85
N ASP A 84 -11.79 16.40 5.77
CA ASP A 84 -12.08 16.44 7.21
C ASP A 84 -11.04 17.28 7.91
N ARG A 85 -11.36 18.55 8.21
CA ARG A 85 -10.38 19.42 8.87
C ARG A 85 -9.95 18.94 10.23
N SER A 86 -10.78 18.12 10.87
CA SER A 86 -10.52 17.72 12.25
C SER A 86 -9.47 16.64 12.36
N LEU A 87 -9.13 15.98 11.26
CA LEU A 87 -8.10 14.94 11.34
C LEU A 87 -6.77 15.48 11.80
N THR A 88 -6.13 14.68 12.63
CA THR A 88 -4.80 14.91 13.09
C THR A 88 -3.96 13.64 12.82
N LEU A 89 -2.64 13.75 12.97
CA LEU A 89 -1.74 12.65 12.65
C LEU A 89 -2.14 11.38 13.40
N LYS A 90 -2.47 11.48 14.69
CA LYS A 90 -2.78 10.35 15.52
C LYS A 90 -4.07 9.63 15.10
N ASP A 91 -4.88 10.28 14.30
CA ASP A 91 -6.10 9.62 13.78
C ASP A 91 -5.84 8.66 12.65
N ILE A 92 -4.68 8.81 12.01
CA ILE A 92 -4.39 8.08 10.76
C ILE A 92 -3.11 7.27 10.80
N SER A 93 -2.35 7.39 11.89
CA SER A 93 -1.12 6.66 12.08
C SER A 93 -0.93 6.37 13.55
N PHE A 94 -0.66 5.14 13.93
CA PHE A 94 -0.88 4.69 15.31
C PHE A 94 0.36 4.15 15.99
N TYR A 95 1.30 3.58 15.22
CA TYR A 95 2.56 3.08 15.75
C TYR A 95 3.66 3.71 14.93
N ARG A 96 4.46 4.60 15.55
CA ARG A 96 5.44 5.41 14.90
C ARG A 96 6.76 5.36 15.67
N TYR A 97 7.84 5.09 14.94
CA TYR A 97 9.13 4.80 15.50
C TYR A 97 10.24 5.56 14.80
N HIS A 98 11.28 5.89 15.57
CA HIS A 98 12.44 6.59 15.02
C HIS A 98 13.36 5.70 14.16
N LYS A 99 13.54 4.44 14.56
CA LYS A 99 14.50 3.55 13.93
C LYS A 99 14.08 3.33 12.46
N VAL A 100 15.04 3.41 11.54
CA VAL A 100 14.79 3.17 10.11
C VAL A 100 14.96 1.66 9.85
N SER A 101 13.93 0.91 10.19
CA SER A 101 13.99 -0.53 10.23
C SER A 101 12.59 -1.14 10.07
N ALA A 102 12.55 -2.47 10.06
CA ALA A 102 11.27 -3.16 10.12
C ALA A 102 10.57 -2.77 11.45
N PRO A 103 9.25 -2.70 11.44
CA PRO A 103 8.49 -2.35 12.62
C PRO A 103 8.72 -3.23 13.83
N LEU A 104 8.88 -4.54 13.63
CA LEU A 104 9.09 -5.39 14.80
C LEU A 104 10.34 -4.94 15.55
N ILE A 105 11.42 -4.71 14.81
CA ILE A 105 12.71 -4.34 15.43
C ILE A 105 12.61 -3.00 16.10
N ALA A 106 12.05 -2.02 15.41
CA ALA A 106 11.83 -0.72 16.01
C ALA A 106 11.04 -0.78 17.29
N GLN A 107 9.99 -1.58 17.31
CA GLN A 107 9.13 -1.70 18.48
C GLN A 107 9.91 -2.36 19.63
N GLN A 108 10.64 -3.42 19.35
CA GLN A 108 11.37 -4.10 20.42
C GLN A 108 12.41 -3.21 21.04
N GLU A 109 13.01 -2.33 20.22
CA GLU A 109 14.05 -1.41 20.75
C GLU A 109 13.46 -0.21 21.43
N GLU A 110 12.45 0.41 20.88
CA GLU A 110 11.93 1.68 21.40
C GLU A 110 10.76 1.58 22.34
N ASP A 111 10.02 0.46 22.26
CA ASP A 111 8.76 0.30 23.01
C ASP A 111 8.57 -1.15 23.36
N PRO A 112 9.51 -1.74 24.13
CA PRO A 112 9.55 -3.17 24.34
C PRO A 112 8.29 -3.71 25.04
N ASN A 113 7.60 -2.86 25.79
CA ASN A 113 6.38 -3.28 26.54
C ASN A 113 5.08 -3.17 25.73
N ALA A 114 5.17 -2.74 24.49
CA ALA A 114 3.96 -2.58 23.68
C ALA A 114 4.13 -3.20 22.27
N PRO A 115 4.10 -4.53 22.16
CA PRO A 115 3.99 -5.14 20.82
C PRO A 115 2.83 -4.58 20.01
N ILE A 116 3.06 -4.39 18.71
CA ILE A 116 2.04 -3.85 17.85
C ILE A 116 0.82 -4.77 17.88
N ASP A 117 -0.35 -4.18 18.11
CA ASP A 117 -1.60 -4.91 18.27
C ASP A 117 -2.47 -4.79 17.00
N THR A 118 -2.40 -5.82 16.18
CA THR A 118 -3.08 -5.79 14.91
C THR A 118 -4.58 -5.96 15.02
N ASP A 119 -5.05 -6.51 16.15
CA ASP A 119 -6.51 -6.53 16.42
C ASP A 119 -7.01 -5.11 16.60
N ASN A 120 -6.29 -4.34 17.41
CA ASN A 120 -6.60 -2.96 17.57
C ASN A 120 -6.56 -2.19 16.26
N LEU A 121 -5.49 -2.38 15.52
CA LEU A 121 -5.39 -1.70 14.22
C LEU A 121 -6.55 -2.03 13.27
N THR A 122 -6.95 -3.31 13.26
CA THR A 122 -8.05 -3.78 12.41
C THR A 122 -9.34 -2.98 12.75
N GLN A 123 -9.62 -2.86 14.06
CA GLN A 123 -10.76 -2.10 14.48
C GLN A 123 -10.71 -0.64 14.07
N ARG A 124 -9.54 -0.02 14.28
CA ARG A 124 -9.38 1.39 13.95
CA ARG A 124 -9.37 1.39 13.95
C ARG A 124 -9.53 1.67 12.44
N LEU A 125 -8.97 0.80 11.61
CA LEU A 125 -9.03 0.94 10.19
C LEU A 125 -10.45 0.69 9.67
N HIS A 126 -11.09 -0.35 10.17
CA HIS A 126 -12.45 -0.61 9.78
C HIS A 126 -13.42 0.46 10.21
N ASN A 127 -13.11 1.18 11.26
CA ASN A 127 -14.03 2.21 11.70
C ASN A 127 -14.22 3.27 10.59
N PHE A 128 -13.18 3.51 9.82
CA PHE A 128 -13.24 4.49 8.73
C PHE A 128 -14.14 4.06 7.57
N THR A 129 -14.49 2.78 7.51
CA THR A 129 -15.38 2.31 6.47
C THR A 129 -16.81 2.84 6.69
N LYS A 130 -17.10 3.34 7.88
CA LYS A 130 -18.40 3.99 8.16
C LYS A 130 -18.54 5.27 7.33
N THR A 131 -17.44 6.02 7.25
CA THR A 131 -17.51 7.39 6.75
C THR A 131 -16.83 7.66 5.38
N TYR A 132 -16.22 6.62 4.84
CA TYR A 132 -15.55 6.68 3.54
C TYR A 132 -16.03 5.55 2.63
N ASP A 133 -16.07 5.89 1.33
CA ASP A 133 -16.30 4.85 0.32
C ASP A 133 -15.12 3.92 0.12
N LEU A 134 -13.90 4.44 0.38
CA LEU A 134 -12.68 3.67 0.20
C LEU A 134 -11.68 4.09 1.24
N VAL A 135 -11.13 3.09 1.89
CA VAL A 135 -10.09 3.26 2.92
C VAL A 135 -8.80 2.64 2.33
N ILE A 136 -7.80 3.46 2.09
CA ILE A 136 -6.51 3.03 1.56
C ILE A 136 -5.57 2.96 2.74
N VAL A 137 -4.92 1.80 2.88
CA VAL A 137 -4.04 1.50 4.03
C VAL A 137 -2.67 1.20 3.45
N GLU A 138 -1.69 2.10 3.68
CA GLU A 138 -0.32 1.82 3.24
C GLU A 138 0.38 1.03 4.31
N GLY A 139 1.06 -0.04 3.90
CA GLY A 139 1.95 -0.80 4.81
C GLY A 139 3.28 -0.12 4.95
N ALA A 140 4.32 -0.90 5.24
CA ALA A 140 5.69 -0.39 5.41
C ALA A 140 6.61 -1.43 4.82
N GLY A 141 7.51 -0.99 3.94
CA GLY A 141 8.28 -1.96 3.19
C GLY A 141 7.40 -2.82 2.28
N GLY A 142 7.83 -4.08 2.17
CA GLY A 142 7.13 -5.11 1.43
C GLY A 142 6.28 -6.07 2.28
N LEU A 143 5.86 -7.15 1.64
CA LEU A 143 4.86 -8.04 2.21
C LEU A 143 5.37 -8.83 3.41
N CYS A 144 6.65 -9.21 3.36
CA CYS A 144 7.18 -10.10 4.39
C CYS A 144 7.82 -9.35 5.55
N VAL A 145 7.63 -8.04 5.56
CA VAL A 145 8.19 -7.23 6.66
C VAL A 145 7.51 -7.57 7.98
N PRO A 146 8.28 -7.82 9.04
CA PRO A 146 7.66 -8.26 10.29
C PRO A 146 7.10 -7.11 11.11
N ILE A 147 5.90 -7.33 11.61
CA ILE A 147 5.20 -6.41 12.52
C ILE A 147 5.28 -6.90 13.97
N THR A 148 4.89 -8.14 14.17
CA THR A 148 5.05 -8.82 15.45
C THR A 148 5.88 -10.09 15.17
N LEU A 149 6.15 -10.90 16.22
CA LEU A 149 6.83 -12.18 15.98
C LEU A 149 6.03 -13.11 15.10
N GLU A 150 4.71 -13.00 15.17
CA GLU A 150 3.85 -13.90 14.43
C GLU A 150 3.27 -13.36 13.15
N GLU A 151 3.37 -12.05 12.92
CA GLU A 151 2.65 -11.45 11.77
CA GLU A 151 2.66 -11.44 11.79
C GLU A 151 3.52 -10.49 10.98
N ASN A 152 3.45 -10.63 9.68
CA ASN A 152 4.04 -9.71 8.72
C ASN A 152 2.97 -8.86 8.04
N MET A 153 3.41 -7.98 7.14
CA MET A 153 2.47 -7.07 6.46
C MET A 153 1.36 -7.81 5.70
N LEU A 154 1.72 -8.89 5.01
CA LEU A 154 0.71 -9.71 4.32
C LEU A 154 -0.29 -10.28 5.34
N ASP A 155 0.18 -10.80 6.47
CA ASP A 155 -0.73 -11.31 7.49
C ASP A 155 -1.71 -10.24 7.93
N PHE A 156 -1.20 -9.04 8.13
CA PHE A 156 -2.03 -7.90 8.50
C PHE A 156 -3.06 -7.62 7.43
N ALA A 157 -2.69 -7.55 6.17
CA ALA A 157 -3.65 -7.37 5.09
C ALA A 157 -4.72 -8.48 5.09
N LEU A 158 -4.31 -9.71 5.36
CA LEU A 158 -5.23 -10.82 5.41
C LEU A 158 -6.24 -10.66 6.54
N LYS A 159 -5.76 -10.23 7.70
CA LYS A 159 -6.65 -9.99 8.85
C LYS A 159 -7.62 -8.87 8.57
N LEU A 160 -7.17 -7.84 7.85
CA LEU A 160 -8.02 -6.74 7.46
C LEU A 160 -9.12 -7.12 6.44
N LYS A 161 -8.94 -8.23 5.74
CA LYS A 161 -9.83 -8.66 4.66
C LYS A 161 -9.85 -7.59 3.54
N ALA A 162 -8.74 -6.88 3.38
CA ALA A 162 -8.58 -5.91 2.34
C ALA A 162 -8.22 -6.53 1.01
N LYS A 163 -8.48 -5.79 -0.06
CA LYS A 163 -7.84 -6.09 -1.32
C LYS A 163 -6.39 -5.58 -1.26
N MET A 164 -5.54 -6.09 -2.15
CA MET A 164 -4.13 -5.73 -2.16
C MET A 164 -3.71 -5.08 -3.47
N LEU A 165 -3.02 -3.97 -3.38
CA LEU A 165 -2.30 -3.36 -4.48
C LEU A 165 -0.83 -3.35 -4.12
N LEU A 166 -0.04 -4.05 -4.93
CA LEU A 166 1.39 -4.16 -4.76
C LEU A 166 2.12 -3.35 -5.79
N ILE A 167 2.82 -2.31 -5.31
CA ILE A 167 3.54 -1.41 -6.15
C ILE A 167 4.96 -1.91 -6.38
N SER A 168 5.34 -2.01 -7.66
CA SER A 168 6.70 -2.37 -8.02
C SER A 168 7.48 -1.17 -8.46
N HIS A 169 8.79 -1.24 -8.24
CA HIS A 169 9.71 -0.34 -8.92
C HIS A 169 9.74 -0.62 -10.41
N ASP A 170 10.41 0.26 -11.15
CA ASP A 170 10.42 0.28 -12.61
C ASP A 170 11.79 -0.03 -13.25
N ASN A 171 12.73 -0.53 -12.45
CA ASN A 171 14.09 -0.74 -12.89
C ASN A 171 14.38 -2.17 -13.22
N LEU A 172 15.55 -2.41 -13.81
CA LEU A 172 16.06 -3.73 -14.03
C LEU A 172 15.93 -4.52 -12.74
N GLY A 173 15.43 -5.73 -12.84
CA GLY A 173 15.18 -6.54 -11.67
C GLY A 173 13.71 -6.64 -11.28
N LEU A 174 12.88 -5.76 -11.84
CA LEU A 174 11.45 -5.78 -11.47
C LEU A 174 10.77 -7.06 -11.81
N ILE A 175 11.25 -7.80 -12.83
CA ILE A 175 10.55 -9.04 -13.19
C ILE A 175 10.63 -10.02 -12.02
N ASN A 176 11.86 -10.24 -11.57
CA ASN A 176 12.05 -11.10 -10.45
C ASN A 176 11.22 -10.65 -9.24
N ASP A 177 11.30 -9.36 -8.92
CA ASP A 177 10.61 -8.87 -7.70
C ASP A 177 9.09 -9.03 -7.87
N CYS A 178 8.53 -8.66 -9.01
CA CYS A 178 7.10 -8.83 -9.21
C CYS A 178 6.68 -10.32 -9.12
N LEU A 179 7.48 -11.19 -9.69
N LEU A 179 7.48 -11.19 -9.70
CA LEU A 179 7.09 -12.61 -9.76
CA LEU A 179 7.08 -12.60 -9.77
C LEU A 179 7.24 -13.29 -8.40
C LEU A 179 7.24 -13.29 -8.40
N LEU A 180 8.21 -12.87 -7.58
CA LEU A 180 8.32 -13.39 -6.23
C LEU A 180 7.04 -13.02 -5.45
N ASN A 181 6.61 -11.75 -5.56
CA ASN A 181 5.38 -11.34 -4.94
C ASN A 181 4.15 -12.01 -5.50
N ASP A 182 4.09 -12.21 -6.82
CA ASP A 182 2.97 -12.94 -7.43
C ASP A 182 2.85 -14.35 -6.81
N PHE A 183 3.97 -15.02 -6.67
CA PHE A 183 3.97 -16.35 -6.11
C PHE A 183 3.42 -16.37 -4.67
N LEU A 184 3.89 -15.42 -3.85
CA LEU A 184 3.42 -15.34 -2.48
C LEU A 184 1.90 -15.02 -2.46
N LEU A 185 1.49 -14.01 -3.23
CA LEU A 185 0.09 -13.57 -3.20
C LEU A 185 -0.87 -14.62 -3.73
N LYS A 186 -0.47 -15.26 -4.82
CA LYS A 186 -1.38 -16.27 -5.42
C LYS A 186 -1.53 -17.47 -4.51
N SER A 187 -0.64 -17.63 -3.55
CA SER A 187 -0.67 -18.71 -2.54
C SER A 187 -1.54 -18.41 -1.34
N HIS A 188 -2.09 -17.19 -1.28
CA HIS A 188 -2.95 -16.80 -0.20
C HIS A 188 -4.33 -16.40 -0.67
N GLN A 189 -5.27 -16.22 0.26
CA GLN A 189 -6.68 -16.02 -0.06
C GLN A 189 -6.99 -14.52 0.00
N LEU A 190 -6.62 -13.82 -1.06
CA LEU A 190 -6.93 -12.42 -1.22
C LEU A 190 -6.89 -12.03 -2.69
N ASP A 191 -7.63 -11.00 -2.98
CA ASP A 191 -7.63 -10.39 -4.30
CA ASP A 191 -7.65 -10.37 -4.30
C ASP A 191 -6.53 -9.36 -4.39
N TYR A 192 -5.72 -9.41 -5.44
CA TYR A 192 -4.60 -8.54 -5.55
C TYR A 192 -4.32 -8.10 -6.96
N LYS A 193 -3.66 -6.94 -7.08
N LYS A 193 -3.50 -7.07 -7.06
CA LYS A 193 -3.07 -6.44 -8.33
CA LYS A 193 -3.06 -6.50 -8.32
C LYS A 193 -1.64 -6.01 -8.04
C LYS A 193 -1.67 -5.90 -8.11
N ILE A 194 -0.77 -6.29 -9.00
CA ILE A 194 0.57 -5.77 -9.05
C ILE A 194 0.64 -4.67 -10.11
N ALA A 195 1.14 -3.50 -9.70
CA ALA A 195 1.24 -2.33 -10.59
C ALA A 195 2.64 -1.72 -10.51
N ILE A 196 3.27 -1.46 -11.64
CA ILE A 196 4.56 -0.83 -11.74
C ILE A 196 4.44 0.69 -11.64
N ASN A 197 5.23 1.27 -10.75
CA ASN A 197 5.32 2.74 -10.64
C ASN A 197 6.37 3.23 -11.63
N LEU A 198 5.91 3.60 -12.82
CA LEU A 198 6.82 4.01 -13.92
C LEU A 198 7.08 5.49 -13.80
N LYS A 199 8.33 5.80 -13.44
CA LYS A 199 8.73 7.16 -13.08
CA LYS A 199 8.72 7.15 -13.10
C LYS A 199 8.91 7.95 -14.35
N GLY A 200 8.74 9.26 -14.24
CA GLY A 200 9.02 10.13 -15.40
C GLY A 200 10.47 10.01 -15.85
N ASN A 201 10.66 10.03 -17.16
CA ASN A 201 12.01 10.01 -17.76
C ASN A 201 12.57 8.63 -17.91
N ASN A 202 11.85 7.61 -17.49
CA ASN A 202 12.31 6.25 -17.72
C ASN A 202 11.63 5.66 -18.96
N THR A 203 12.41 5.55 -20.00
CA THR A 203 12.07 4.82 -21.22
C THR A 203 12.91 3.56 -21.41
N ALA A 204 13.93 3.31 -20.57
CA ALA A 204 14.60 2.00 -20.57
C ALA A 204 13.58 0.92 -20.23
N PHE A 205 12.62 1.21 -19.34
CA PHE A 205 11.60 0.23 -18.94
C PHE A 205 10.92 -0.41 -20.13
N HIS A 206 10.56 0.40 -21.12
CA HIS A 206 9.76 -0.10 -22.23
C HIS A 206 10.59 -1.05 -23.11
N SER A 207 11.89 -0.82 -23.13
CA SER A 207 12.85 -1.63 -23.90
C SER A 207 13.28 -2.93 -23.16
N ILE A 208 13.45 -2.82 -21.86
CA ILE A 208 14.12 -3.83 -21.05
C ILE A 208 13.16 -4.80 -20.34
N SER A 209 12.14 -4.24 -19.72
CA SER A 209 11.23 -5.04 -18.86
C SER A 209 9.85 -5.26 -19.47
N LEU A 210 9.30 -4.22 -20.12
CA LEU A 210 7.97 -4.33 -20.68
C LEU A 210 7.76 -5.53 -21.62
N PRO A 211 8.76 -5.93 -22.42
CA PRO A 211 8.50 -7.06 -23.30
C PRO A 211 8.14 -8.31 -22.50
N TYR A 212 8.71 -8.51 -21.33
CA TYR A 212 8.34 -9.67 -20.54
C TYR A 212 6.93 -9.49 -19.88
N ILE A 213 6.66 -8.27 -19.34
N ILE A 213 6.65 -8.30 -19.36
CA ILE A 213 5.33 -8.01 -18.79
CA ILE A 213 5.33 -8.02 -18.80
C ILE A 213 4.25 -8.35 -19.82
C ILE A 213 4.24 -8.31 -19.82
N GLU A 214 4.49 -7.91 -21.06
CA GLU A 214 3.57 -8.19 -22.18
CA GLU A 214 3.54 -8.21 -22.13
C GLU A 214 3.32 -9.71 -22.31
N LEU A 215 4.39 -10.47 -22.40
CA LEU A 215 4.29 -11.93 -22.50
C LEU A 215 3.59 -12.56 -21.32
N PHE A 216 3.99 -12.16 -20.13
CA PHE A 216 3.38 -12.64 -18.88
C PHE A 216 1.88 -12.43 -18.90
N ASN A 217 1.44 -11.23 -19.34
CA ASN A 217 0.03 -10.90 -19.30
C ASN A 217 -0.79 -11.77 -20.28
N THR A 218 -0.22 -12.14 -21.42
CA THR A 218 -0.92 -13.04 -22.33
C THR A 218 -1.11 -14.44 -21.77
N ARG A 219 -0.33 -14.78 -20.76
CA ARG A 219 -0.25 -16.13 -20.20
C ARG A 219 -0.78 -16.27 -18.78
N SER A 220 -1.24 -15.16 -18.21
N SER A 220 -1.25 -15.16 -18.22
CA SER A 220 -1.68 -15.09 -16.82
CA SER A 220 -1.70 -15.09 -16.82
C SER A 220 -3.12 -14.62 -16.74
C SER A 220 -3.13 -14.61 -16.74
N ASN A 221 -3.85 -15.09 -15.77
CA ASN A 221 -5.20 -14.62 -15.52
C ASN A 221 -5.24 -13.30 -14.78
N ASN A 222 -4.14 -12.91 -14.15
CA ASN A 222 -4.07 -11.69 -13.33
C ASN A 222 -2.85 -10.84 -13.77
N PRO A 223 -3.08 -9.89 -14.64
CA PRO A 223 -1.96 -9.23 -15.33
C PRO A 223 -1.29 -8.23 -14.44
N ILE A 224 -0.02 -8.01 -14.72
CA ILE A 224 0.77 -6.92 -14.11
C ILE A 224 0.52 -5.67 -14.95
N VAL A 225 0.11 -4.59 -14.30
CA VAL A 225 -0.22 -3.36 -14.99
C VAL A 225 0.78 -2.27 -14.66
N ILE A 226 0.73 -1.17 -15.41
CA ILE A 226 1.53 0.04 -15.12
C ILE A 226 0.62 1.00 -14.36
N PHE A 227 1.03 1.39 -13.16
CA PHE A 227 0.18 2.23 -12.32
C PHE A 227 -0.38 3.45 -13.07
N GLN A 228 0.50 4.15 -13.78
CA GLN A 228 0.14 5.43 -14.40
C GLN A 228 -0.88 5.26 -15.51
N GLN A 229 -0.97 4.07 -16.09
CA GLN A 229 -1.97 3.74 -17.10
C GLN A 229 -3.32 3.29 -16.49
N SER A 230 -3.37 3.09 -15.16
CA SER A 230 -4.35 2.22 -14.55
C SER A 230 -5.22 2.84 -13.47
N LEU A 231 -5.29 4.17 -13.40
CA LEU A 231 -6.08 4.77 -12.32
CA LEU A 231 -6.09 4.79 -12.33
C LEU A 231 -7.54 4.26 -12.33
N LYS A 232 -8.15 4.21 -13.48
CA LYS A 232 -9.55 3.80 -13.61
C LYS A 232 -9.73 2.35 -13.25
N VAL A 233 -8.88 1.49 -13.81
CA VAL A 233 -8.89 0.07 -13.55
C VAL A 233 -8.68 -0.22 -12.08
N LEU A 234 -7.75 0.52 -11.44
CA LEU A 234 -7.45 0.25 -10.04
C LEU A 234 -8.56 0.76 -9.13
N MET A 235 -9.20 1.84 -9.47
CA MET A 235 -10.41 2.27 -8.75
C MET A 235 -11.50 1.21 -8.86
N SER A 236 -11.76 0.70 -10.07
CA SER A 236 -12.75 -0.38 -10.29
C SER A 236 -12.39 -1.60 -9.43
N PHE A 237 -11.11 -1.99 -9.47
CA PHE A 237 -10.63 -3.12 -8.68
C PHE A 237 -10.92 -2.92 -7.21
N ALA A 238 -10.57 -1.76 -6.69
CA ALA A 238 -10.70 -1.47 -5.26
C ALA A 238 -12.17 -1.55 -4.79
N LEU A 239 -13.08 -1.14 -5.66
CA LEU A 239 -14.49 -1.05 -5.29
C LEU A 239 -15.33 -2.26 -5.68
N LYS A 240 -14.76 -3.22 -6.37
CA LYS A 240 -15.59 -4.26 -6.90
C LYS A 240 -16.09 -5.22 -5.84
N GLY A 241 -17.34 -5.67 -5.99
CA GLY A 241 -17.87 -6.76 -5.16
C GLY A 241 -18.09 -6.40 -3.73
N SER A 242 -18.08 -7.41 -2.84
CA SER A 242 -18.25 -7.14 -1.41
C SER A 242 -16.96 -6.61 -0.76
NAA 8AC B . 11.07 4.25 5.24
OAB 8AC B . 12.46 -5.68 4.55
OAC 8AC B . 14.46 -5.39 5.42
CAD 8AC B . 11.10 3.33 6.37
CAE 8AC B . 11.18 2.03 5.67
CAF 8AC B . 11.36 0.83 6.57
CAG 8AC B . 11.66 -0.40 5.67
CAH 8AC B . 11.80 -1.70 6.46
CAI 8AC B . 12.36 -2.81 5.51
CAJ 8AC B . 12.62 -4.08 6.31
CAK 8AC B . 13.25 -5.17 5.35
PB GDP C . 7.43 4.12 -0.62
O1B GDP C . 8.60 4.21 0.35
O2B GDP C . 7.25 2.77 -1.29
O3B GDP C . 6.08 4.62 -0.01
O3A GDP C . 7.77 5.13 -1.87
PA GDP C . 7.52 6.66 -2.02
O1A GDP C . 7.70 7.36 -0.75
O2A GDP C . 6.22 6.90 -2.74
O5' GDP C . 8.67 7.05 -3.06
C5' GDP C . 10.06 6.90 -2.77
C4' GDP C . 10.85 8.07 -3.39
O4' GDP C . 10.68 7.97 -4.81
C3' GDP C . 10.31 9.42 -3.00
O3' GDP C . 11.45 10.28 -2.83
C2' GDP C . 9.48 9.86 -4.18
O2' GDP C . 9.35 11.29 -4.30
C1' GDP C . 10.23 9.18 -5.30
N9 GDP C . 9.33 8.92 -6.43
C8 GDP C . 8.21 8.15 -6.45
N7 GDP C . 7.69 8.16 -7.70
C5 GDP C . 8.53 8.99 -8.44
C6 GDP C . 8.68 9.50 -9.84
O6 GDP C . 7.80 9.17 -10.68
N1 GDP C . 9.76 10.26 -10.21
C2 GDP C . 10.74 10.60 -9.36
N2 GDP C . 11.79 11.38 -9.76
N3 GDP C . 10.67 10.20 -8.05
C4 GDP C . 9.62 9.43 -7.61
MG MG D . 9.21 5.21 1.98
MG MG E . 5.64 5.05 1.90
P PO4 F . 7.79 2.96 3.57
O1 PO4 F . 6.72 3.49 2.74
O2 PO4 F . 8.29 1.60 3.02
O3 PO4 F . 8.94 3.94 3.46
O4 PO4 F . 7.35 2.87 5.05
C1 EDO G . 8.21 8.61 16.55
O1 EDO G . 8.34 8.54 17.98
C2 EDO G . 7.52 9.90 16.20
O2 EDO G . 8.43 11.02 16.28
C1 EDO H . -12.78 -6.41 -0.06
O1 EDO H . -13.36 -5.93 -1.29
C2 EDO H . -12.11 -5.25 0.61
O2 EDO H . -12.95 -4.09 0.66
C1 EDO I . 10.78 0.32 -26.82
O1 EDO I . 9.58 0.84 -27.37
C2 EDO I . 12.00 1.07 -27.40
O2 EDO I . 12.07 2.50 -27.16
C1 EDO J . 5.45 3.44 19.21
O1 EDO J . 6.18 4.18 20.18
C2 EDO J . 4.01 3.86 19.18
O2 EDO J . 3.77 5.00 18.38
C1 EDO K . -1.77 14.54 -5.00
O1 EDO K . -2.04 14.41 -3.59
C2 EDO K . -0.82 13.43 -5.48
O2 EDO K . 0.40 13.56 -4.75
C1 EDO L . 0.36 -2.78 22.89
O1 EDO L . 0.70 -4.14 22.65
C2 EDO L . 0.36 -1.98 21.58
O2 EDO L . -0.72 -1.01 21.59
C1 GOL M . 2.70 -15.53 4.68
O1 GOL M . 2.83 -14.26 5.27
C2 GOL M . 4.05 -16.26 4.59
O2 GOL M . 5.09 -15.45 4.13
C3 GOL M . 4.45 -16.82 5.95
O3 GOL M . 5.37 -15.98 6.58
#